data_6TGL
#
_entry.id   6TGL
#
_cell.length_a   62.880
_cell.length_b   89.200
_cell.length_c   61.180
_cell.angle_alpha   90.000
_cell.angle_beta   97.080
_cell.angle_gamma   90.000
#
_symmetry.space_group_name_H-M   'C 1 2 1'
#
loop_
_entity.id
_entity.type
_entity.pdbx_description
1 polymer 'Genome polyprotein'
2 polymer 'Genome polyprotein'
3 non-polymer 'DIMETHYL SULFOXIDE'
4 non-polymer 'PHOSPHATE ION'
5 non-polymer "~{N}'-(2-fluorophenyl)-1,2-oxazole-5-carbohydrazide"
6 water water
#
loop_
_entity_poly.entity_id
_entity_poly.type
_entity_poly.pdbx_seq_one_letter_code
_entity_poly.pdbx_strand_id
1 'polypeptide(L)'
;APPTLWSRVTKFGSGWGFWVSPTVFITTTHVIPTSAKEFFGEPLTSIAIHRAGEFTLFRFSKKIRPDLTGMILEEGCPEG
TVCSVLIKRDSGELLPLAVRMGAIASMRIQGRLVHGQSGMLLTGANAKGMDLGTIPGDCGAPYVYKRANDWVVCGVHAAA
TKSGNTVVCAVQ
;
A
2 'polypeptide(L)'
;PTLWSRVTKFGSGWGFWVSPTVFITTTHVIPTSAKEFFGEPLTSIAIHRAGEFTLFRFSKKIRPDLTGMILEEGCPEGTV
CSVLIKRDSGELLPLAVRMGAIASMRIQGRLVHGQSGMLLTGANAKGMDLGTIPGDCGAPYVYKRANDWVVCGVHAAATK
SGNTVVCAVQA
;
B
#
loop_
_chem_comp.id
_chem_comp.type
_chem_comp.name
_chem_comp.formula
DMS non-polymer 'DIMETHYL SULFOXIDE' 'C2 H6 O S'
LVP non-polymer ~{N}'-(2-fluorophenyl)-1,2-oxazole-5-carbohydrazide 'C10 H8 F N3 O2'
PO4 non-polymer 'PHOSPHATE ION' 'O4 P -3'
#
# COMPACT_ATOMS: atom_id res chain seq x y z
N ALA A 1 -7.07 -7.03 1.28
CA ALA A 1 -8.26 -6.86 2.18
C ALA A 1 -9.50 -7.31 1.40
N PRO A 2 -10.54 -7.87 2.06
CA PRO A 2 -11.67 -8.47 1.35
C PRO A 2 -12.42 -7.45 0.49
N PRO A 3 -12.84 -7.85 -0.75
CA PRO A 3 -13.69 -7.01 -1.59
C PRO A 3 -14.92 -6.43 -0.88
N THR A 4 -15.44 -7.12 0.15
CA THR A 4 -16.63 -6.63 0.91
C THR A 4 -16.26 -5.39 1.73
N LEU A 5 -15.01 -5.24 2.18
CA LEU A 5 -14.56 -4.02 2.91
C LEU A 5 -14.35 -2.88 1.90
N TRP A 6 -13.81 -3.17 0.71
CA TRP A 6 -13.60 -2.15 -0.34
C TRP A 6 -14.93 -1.61 -0.86
N SER A 7 -15.97 -2.45 -0.94
CA SER A 7 -17.35 -2.08 -1.37
CA SER A 7 -17.35 -2.08 -1.37
C SER A 7 -17.95 -1.04 -0.42
N ARG A 8 -17.53 -1.04 0.85
CA ARG A 8 -18.09 -0.10 1.88
C ARG A 8 -17.47 1.30 1.76
N VAL A 9 -16.28 1.43 1.20
CA VAL A 9 -15.54 2.72 1.10
C VAL A 9 -16.17 3.54 -0.03
N THR A 10 -16.83 4.67 0.29
CA THR A 10 -17.66 5.49 -0.63
CA THR A 10 -17.60 5.46 -0.71
C THR A 10 -17.10 6.91 -0.78
N LYS A 11 -16.95 7.41 -2.02
CA LYS A 11 -16.50 8.80 -2.27
C LYS A 11 -17.47 9.75 -1.56
N PHE A 12 -16.97 10.73 -0.80
CA PHE A 12 -17.81 11.60 0.07
C PHE A 12 -17.12 12.94 0.29
N GLY A 13 -17.78 14.01 -0.14
CA GLY A 13 -17.30 15.40 0.02
C GLY A 13 -15.93 15.57 -0.60
N SER A 14 -14.97 16.09 0.17
CA SER A 14 -13.53 16.23 -0.20
C SER A 14 -12.71 14.96 0.11
N GLY A 15 -13.34 13.85 0.51
CA GLY A 15 -12.62 12.59 0.76
C GLY A 15 -13.54 11.37 0.63
N TRP A 16 -13.68 10.61 1.72
CA TRP A 16 -14.32 9.27 1.79
C TRP A 16 -15.17 9.09 3.05
N GLY A 17 -16.01 8.05 3.02
CA GLY A 17 -16.71 7.48 4.18
C GLY A 17 -16.83 5.97 4.08
N PHE A 18 -17.35 5.35 5.14
CA PHE A 18 -17.37 3.89 5.30
C PHE A 18 -18.74 3.46 5.87
N TRP A 19 -19.40 2.57 5.14
CA TRP A 19 -20.65 1.90 5.53
C TRP A 19 -20.33 0.72 6.47
N VAL A 20 -20.62 0.95 7.75
CA VAL A 20 -20.52 -0.05 8.86
C VAL A 20 -21.66 -1.05 8.72
N SER A 21 -22.82 -0.60 8.21
CA SER A 21 -24.09 -1.37 8.12
C SER A 21 -24.99 -0.74 7.06
N PRO A 22 -26.13 -1.36 6.69
CA PRO A 22 -27.07 -0.75 5.74
C PRO A 22 -27.56 0.65 6.12
N THR A 23 -27.57 1.00 7.41
CA THR A 23 -28.05 2.30 7.93
C THR A 23 -26.97 3.20 8.53
N VAL A 24 -25.72 2.73 8.73
CA VAL A 24 -24.67 3.50 9.49
C VAL A 24 -23.48 3.83 8.59
N PHE A 25 -23.15 5.11 8.46
CA PHE A 25 -22.05 5.65 7.62
C PHE A 25 -21.15 6.49 8.51
N ILE A 26 -19.84 6.26 8.47
CA ILE A 26 -18.90 7.04 9.32
C ILE A 26 -17.91 7.77 8.42
N THR A 27 -17.45 8.94 8.83
CA THR A 27 -16.49 9.77 8.04
C THR A 27 -15.79 10.80 8.95
N THR A 28 -14.82 11.51 8.36
CA THR A 28 -14.06 12.59 9.01
C THR A 28 -14.91 13.88 8.88
N THR A 29 -15.15 14.58 9.99
CA THR A 29 -16.07 15.74 10.05
C THR A 29 -15.67 16.78 8.99
N HIS A 30 -14.36 17.01 8.76
CA HIS A 30 -13.87 18.13 7.89
C HIS A 30 -14.10 17.83 6.40
N VAL A 31 -14.38 16.60 5.98
CA VAL A 31 -14.64 16.31 4.55
C VAL A 31 -16.11 16.60 4.20
N ILE A 32 -16.99 16.79 5.19
CA ILE A 32 -18.47 16.88 4.98
C ILE A 32 -18.75 18.21 4.28
N PRO A 33 -19.48 18.21 3.14
CA PRO A 33 -19.98 19.45 2.55
C PRO A 33 -20.88 20.23 3.54
N THR A 34 -20.41 21.41 3.97
CA THR A 34 -20.91 22.23 5.11
C THR A 34 -22.35 22.75 4.88
N SER A 35 -22.78 22.96 3.64
CA SER A 35 -24.12 23.50 3.31
C SER A 35 -25.10 22.38 2.96
N ALA A 36 -24.72 21.10 3.10
CA ALA A 36 -25.51 19.97 2.57
C ALA A 36 -26.71 19.73 3.48
N LYS A 37 -27.89 19.53 2.90
CA LYS A 37 -29.18 19.34 3.59
C LYS A 37 -29.82 18.00 3.19
N GLU A 38 -29.20 17.27 2.26
CA GLU A 38 -29.71 15.98 1.76
C GLU A 38 -28.54 15.01 1.57
N PHE A 39 -28.71 13.75 1.98
CA PHE A 39 -27.71 12.67 1.78
C PHE A 39 -28.44 11.42 1.29
N PHE A 40 -28.03 10.88 0.13
CA PHE A 40 -28.60 9.67 -0.54
C PHE A 40 -30.13 9.77 -0.60
N GLY A 41 -30.68 10.94 -0.97
CA GLY A 41 -32.12 11.16 -1.14
C GLY A 41 -32.82 11.58 0.16
N GLU A 42 -32.14 11.53 1.30
CA GLU A 42 -32.79 11.68 2.63
C GLU A 42 -32.57 13.10 3.14
N PRO A 43 -33.60 13.75 3.72
CA PRO A 43 -33.44 15.05 4.36
C PRO A 43 -32.73 14.94 5.72
N LEU A 44 -32.07 16.03 6.15
CA LEU A 44 -31.38 16.15 7.46
C LEU A 44 -32.27 15.64 8.60
N THR A 45 -33.51 16.13 8.67
CA THR A 45 -34.53 15.82 9.71
C THR A 45 -34.63 14.31 9.94
N SER A 46 -34.39 13.49 8.90
CA SER A 46 -34.66 12.02 8.92
C SER A 46 -33.35 11.22 9.12
N ILE A 47 -32.29 11.87 9.60
CA ILE A 47 -30.96 11.22 9.84
C ILE A 47 -30.46 11.64 11.23
N ALA A 48 -29.94 10.69 12.02
CA ALA A 48 -29.27 10.95 13.32
C ALA A 48 -27.75 11.08 13.12
N ILE A 49 -27.23 12.29 13.34
CA ILE A 49 -25.81 12.68 13.07
C ILE A 49 -25.13 12.93 14.42
N HIS A 50 -24.19 12.03 14.79
CA HIS A 50 -23.43 12.02 16.07
C HIS A 50 -21.98 12.45 15.81
N ARG A 51 -21.56 13.54 16.44
CA ARG A 51 -20.27 14.21 16.15
C ARG A 51 -19.42 14.25 17.42
N ALA A 52 -18.23 13.65 17.38
CA ALA A 52 -17.17 13.81 18.40
C ALA A 52 -15.90 14.30 17.70
N GLY A 53 -15.71 15.61 17.63
CA GLY A 53 -14.55 16.22 16.96
C GLY A 53 -14.46 15.79 15.50
N GLU A 54 -13.36 15.17 15.08
CA GLU A 54 -13.15 14.81 13.65
C GLU A 54 -13.80 13.47 13.27
N PHE A 55 -14.50 12.80 14.21
CA PHE A 55 -15.37 11.62 13.94
C PHE A 55 -16.82 12.06 13.82
N THR A 56 -17.45 11.69 12.70
CA THR A 56 -18.90 11.88 12.47
C THR A 56 -19.56 10.56 12.05
N LEU A 57 -20.70 10.22 12.67
CA LEU A 57 -21.50 8.99 12.37
C LEU A 57 -22.91 9.44 11.95
N PHE A 58 -23.37 8.96 10.79
CA PHE A 58 -24.75 9.14 10.25
C PHE A 58 -25.54 7.84 10.41
N ARG A 59 -26.69 7.90 11.08
CA ARG A 59 -27.65 6.76 11.14
CA ARG A 59 -27.66 6.76 11.16
C ARG A 59 -28.93 7.16 10.39
N PHE A 60 -29.20 6.46 9.29
CA PHE A 60 -30.40 6.66 8.41
C PHE A 60 -31.60 5.91 9.02
N SER A 61 -32.82 6.39 8.73
N SER A 61 -32.80 6.40 8.72
CA SER A 61 -34.09 5.74 9.14
CA SER A 61 -34.11 5.78 9.12
C SER A 61 -34.50 4.67 8.13
C SER A 61 -34.47 4.66 8.14
N LYS A 62 -33.90 4.66 6.94
CA LYS A 62 -34.09 3.59 5.93
C LYS A 62 -32.74 3.02 5.49
N LYS A 63 -32.74 1.77 5.04
CA LYS A 63 -31.54 1.03 4.60
C LYS A 63 -31.03 1.61 3.28
N ILE A 64 -29.81 2.15 3.28
CA ILE A 64 -29.19 2.81 2.09
C ILE A 64 -28.33 1.76 1.41
N ARG A 65 -27.71 0.87 2.18
CA ARG A 65 -26.80 -0.19 1.65
C ARG A 65 -27.27 -1.56 2.12
N PRO A 66 -28.45 -2.04 1.63
CA PRO A 66 -29.01 -3.32 2.07
C PRO A 66 -28.25 -4.53 1.51
N ASP A 67 -27.33 -4.30 0.58
CA ASP A 67 -26.38 -5.34 0.09
C ASP A 67 -25.38 -5.70 1.18
N LEU A 68 -25.26 -4.88 2.25
CA LEU A 68 -24.18 -5.02 3.26
C LEU A 68 -24.73 -5.70 4.54
N THR A 69 -23.87 -6.45 5.22
CA THR A 69 -24.04 -6.97 6.61
C THR A 69 -23.49 -5.93 7.59
N GLY A 70 -24.13 -5.75 8.75
CA GLY A 70 -23.56 -4.94 9.84
C GLY A 70 -22.29 -5.58 10.37
N MET A 71 -21.24 -4.80 10.61
CA MET A 71 -19.93 -5.27 11.13
C MET A 71 -19.58 -4.50 12.42
N ILE A 72 -18.51 -4.91 13.11
CA ILE A 72 -18.13 -4.32 14.43
C ILE A 72 -17.38 -3.00 14.22
N LEU A 73 -17.82 -1.94 14.87
CA LEU A 73 -17.09 -0.64 14.98
C LEU A 73 -16.68 -0.49 16.45
N GLU A 74 -15.40 -0.27 16.72
CA GLU A 74 -14.89 -0.04 18.08
C GLU A 74 -14.18 1.32 18.18
N GLU A 75 -13.98 1.79 19.41
CA GLU A 75 -13.32 3.09 19.73
CA GLU A 75 -13.32 3.10 19.73
C GLU A 75 -11.81 2.88 19.70
N GLY A 76 -11.20 2.94 18.51
CA GLY A 76 -9.76 2.65 18.34
C GLY A 76 -9.46 1.18 18.62
N CYS A 77 -8.17 0.85 18.74
CA CYS A 77 -7.69 -0.54 18.92
C CYS A 77 -6.56 -0.56 19.96
N PRO A 78 -6.22 -1.74 20.52
CA PRO A 78 -5.06 -1.83 21.42
C PRO A 78 -3.76 -1.33 20.78
N GLU A 79 -2.93 -0.69 21.61
CA GLU A 79 -1.57 -0.25 21.21
C GLU A 79 -0.88 -1.43 20.56
N GLY A 80 -0.24 -1.19 19.42
CA GLY A 80 0.60 -2.18 18.72
C GLY A 80 -0.19 -3.05 17.78
N THR A 81 -1.53 -2.91 17.72
CA THR A 81 -2.32 -3.47 16.61
C THR A 81 -1.76 -2.90 15.29
N VAL A 82 -1.56 -3.75 14.29
CA VAL A 82 -1.33 -3.34 12.88
C VAL A 82 -2.69 -3.27 12.18
N CYS A 83 -3.01 -2.10 11.62
CA CYS A 83 -4.23 -1.82 10.82
C CYS A 83 -3.86 -1.63 9.35
N SER A 84 -4.86 -1.72 8.48
CA SER A 84 -4.79 -1.30 7.07
C SER A 84 -5.71 -0.08 6.93
N VAL A 85 -5.22 0.99 6.31
CA VAL A 85 -6.05 2.17 5.92
C VAL A 85 -6.50 1.93 4.46
N LEU A 86 -7.81 1.79 4.24
CA LEU A 86 -8.38 1.42 2.92
C LEU A 86 -8.53 2.69 2.06
N ILE A 87 -7.46 3.01 1.34
CA ILE A 87 -7.31 4.19 0.44
C ILE A 87 -7.57 3.76 -1.03
N LYS A 88 -8.52 4.42 -1.69
CA LYS A 88 -8.70 4.34 -3.16
C LYS A 88 -7.95 5.51 -3.82
N ARG A 89 -7.23 5.20 -4.92
CA ARG A 89 -6.42 6.17 -5.69
C ARG A 89 -6.71 6.03 -7.20
N ASP A 90 -6.40 7.10 -7.93
CA ASP A 90 -6.72 7.29 -9.37
C ASP A 90 -6.44 6.00 -10.15
N SER A 91 -7.52 5.29 -10.49
CA SER A 91 -7.63 4.31 -11.61
C SER A 91 -8.05 2.92 -11.12
N GLY A 92 -9.00 2.85 -10.17
CA GLY A 92 -9.41 1.59 -9.51
C GLY A 92 -8.24 0.88 -8.87
N GLU A 93 -7.21 1.64 -8.48
CA GLU A 93 -6.08 1.11 -7.66
C GLU A 93 -6.47 1.23 -6.19
N LEU A 94 -6.15 0.19 -5.42
CA LEU A 94 -6.51 0.04 -4.01
C LEU A 94 -5.21 0.02 -3.21
N LEU A 95 -5.12 0.87 -2.20
CA LEU A 95 -3.86 1.07 -1.42
C LEU A 95 -4.14 0.80 0.06
N PRO A 96 -4.11 -0.47 0.51
CA PRO A 96 -4.23 -0.81 1.93
C PRO A 96 -2.92 -0.58 2.74
N LEU A 97 -2.70 0.66 3.18
CA LEU A 97 -1.45 1.12 3.83
C LEU A 97 -1.36 0.49 5.22
N ALA A 98 -0.27 -0.21 5.49
CA ALA A 98 0.04 -0.84 6.80
C ALA A 98 0.46 0.23 7.82
N VAL A 99 -0.16 0.21 8.99
N VAL A 99 -0.15 0.24 9.01
CA VAL A 99 0.06 1.22 10.08
CA VAL A 99 0.13 1.25 10.07
C VAL A 99 0.14 0.48 11.42
C VAL A 99 0.11 0.56 11.44
N ARG A 100 1.15 0.77 12.25
CA ARG A 100 1.21 0.26 13.64
C ARG A 100 0.61 1.34 14.55
N MET A 101 -0.40 0.99 15.32
CA MET A 101 -1.18 2.02 16.04
C MET A 101 -0.56 2.20 17.43
N GLY A 102 -0.58 3.44 17.93
CA GLY A 102 -0.07 3.81 19.26
C GLY A 102 -1.13 4.39 20.17
N ALA A 103 -0.75 5.39 20.96
CA ALA A 103 -1.58 6.03 21.99
C ALA A 103 -2.56 7.02 21.36
N ILE A 104 -3.65 7.28 22.07
CA ILE A 104 -4.54 8.47 21.89
C ILE A 104 -3.69 9.72 22.14
N ALA A 105 -3.67 10.65 21.20
CA ALA A 105 -2.78 11.84 21.18
C ALA A 105 -3.57 13.10 20.85
N SER A 106 -3.14 14.25 21.40
CA SER A 106 -3.46 15.61 20.89
C SER A 106 -2.19 16.24 20.29
N MET A 107 -2.29 16.77 19.07
CA MET A 107 -1.13 17.26 18.29
C MET A 107 -1.55 18.52 17.53
N ARG A 108 -0.58 19.27 17.01
CA ARG A 108 -0.81 20.41 16.08
C ARG A 108 -0.21 20.04 14.71
N ILE A 109 -1.06 19.95 13.68
CA ILE A 109 -0.67 19.49 12.33
C ILE A 109 -1.11 20.56 11.32
N GLN A 110 -0.13 21.08 10.57
CA GLN A 110 -0.30 22.24 9.66
C GLN A 110 -1.17 23.27 10.41
N GLY A 111 -0.81 23.58 11.66
CA GLY A 111 -1.43 24.66 12.46
C GLY A 111 -2.75 24.25 13.11
N ARG A 112 -3.42 23.21 12.62
CA ARG A 112 -4.75 22.74 13.12
C ARG A 112 -4.58 21.80 14.33
N LEU A 113 -5.48 21.89 15.32
CA LEU A 113 -5.40 21.04 16.54
C LEU A 113 -6.19 19.74 16.27
N VAL A 114 -5.49 18.60 16.38
N VAL A 114 -5.51 18.58 16.35
CA VAL A 114 -6.03 17.25 16.06
CA VAL A 114 -6.14 17.26 16.03
C VAL A 114 -5.97 16.34 17.29
C VAL A 114 -5.96 16.30 17.21
N HIS A 115 -7.02 15.52 17.50
CA HIS A 115 -7.11 14.52 18.59
C HIS A 115 -7.62 13.18 18.02
N GLY A 116 -6.87 12.09 18.22
CA GLY A 116 -7.31 10.75 17.84
C GLY A 116 -6.30 9.69 18.21
N GLN A 117 -6.38 8.50 17.59
CA GLN A 117 -5.35 7.45 17.79
C GLN A 117 -4.21 7.66 16.79
N SER A 118 -2.99 7.78 17.32
CA SER A 118 -1.74 7.99 16.54
C SER A 118 -1.27 6.63 15.98
N GLY A 119 -0.60 6.66 14.83
CA GLY A 119 -0.03 5.45 14.22
C GLY A 119 1.23 5.77 13.43
N MET A 120 2.08 4.78 13.18
CA MET A 120 3.27 4.99 12.32
C MET A 120 3.16 4.06 11.12
N LEU A 121 3.27 4.62 9.92
CA LEU A 121 3.18 3.86 8.65
C LEU A 121 4.32 2.85 8.61
N LEU A 122 4.05 1.69 8.03
CA LEU A 122 5.00 0.57 7.83
C LEU A 122 5.25 0.34 6.34
N THR A 123 5.27 1.41 5.54
CA THR A 123 5.35 1.34 4.06
C THR A 123 6.78 1.60 3.58
N GLY A 124 7.65 2.18 4.42
CA GLY A 124 8.93 2.79 4.00
C GLY A 124 9.43 3.81 5.02
N ALA A 125 10.67 4.28 4.90
CA ALA A 125 11.33 5.11 5.93
C ALA A 125 10.76 6.54 5.96
N ASN A 126 10.73 7.20 4.80
CA ASN A 126 10.37 8.64 4.64
C ASN A 126 9.15 8.69 3.70
N ALA A 127 7.95 8.41 4.23
CA ALA A 127 6.71 8.12 3.46
C ALA A 127 5.95 9.40 3.05
N LYS A 128 6.56 10.58 3.08
CA LYS A 128 5.94 11.81 2.53
C LYS A 128 5.64 11.56 1.04
N GLY A 129 4.45 11.94 0.58
CA GLY A 129 4.08 11.77 -0.84
C GLY A 129 3.13 10.61 -1.08
N MET A 130 2.58 10.58 -2.28
CA MET A 130 1.41 9.74 -2.60
C MET A 130 1.85 8.28 -2.83
N ASP A 131 3.14 7.99 -3.06
CA ASP A 131 3.59 6.62 -3.45
C ASP A 131 3.56 5.71 -2.21
N LEU A 132 4.07 6.16 -1.06
CA LEU A 132 4.18 5.30 0.15
C LEU A 132 3.33 5.84 1.29
N GLY A 133 2.68 7.02 1.13
CA GLY A 133 1.98 7.72 2.24
C GLY A 133 0.61 8.24 1.86
N THR A 134 0.02 9.04 2.74
CA THR A 134 -1.32 9.62 2.57
C THR A 134 -1.25 11.01 1.93
N ILE A 135 -2.39 11.41 1.40
CA ILE A 135 -2.63 12.76 0.79
C ILE A 135 -3.93 13.28 1.39
N PRO A 136 -4.20 14.60 1.29
CA PRO A 136 -5.37 15.17 1.95
C PRO A 136 -6.68 14.53 1.45
N GLY A 137 -6.69 14.06 0.20
CA GLY A 137 -7.85 13.41 -0.43
C GLY A 137 -8.23 12.09 0.23
N ASP A 138 -7.35 11.54 1.07
CA ASP A 138 -7.56 10.22 1.70
C ASP A 138 -8.39 10.35 2.98
N CYS A 139 -8.63 11.55 3.49
CA CYS A 139 -9.35 11.73 4.78
C CYS A 139 -10.74 11.08 4.68
N GLY A 140 -11.09 10.38 5.76
CA GLY A 140 -12.34 9.62 5.91
C GLY A 140 -12.18 8.14 5.61
N ALA A 141 -11.05 7.72 5.05
CA ALA A 141 -10.77 6.29 4.74
C ALA A 141 -10.69 5.52 6.06
N PRO A 142 -11.28 4.31 6.15
CA PRO A 142 -11.38 3.58 7.40
C PRO A 142 -10.09 2.86 7.81
N TYR A 143 -9.85 2.77 9.11
CA TYR A 143 -8.79 1.93 9.74
C TYR A 143 -9.44 0.58 10.09
N VAL A 144 -8.92 -0.52 9.54
CA VAL A 144 -9.46 -1.90 9.73
C VAL A 144 -8.33 -2.88 10.06
N TYR A 145 -8.70 -3.96 10.75
CA TYR A 145 -7.77 -5.05 11.11
C TYR A 145 -8.59 -6.32 11.38
N LYS A 146 -7.94 -7.47 11.21
CA LYS A 146 -8.57 -8.80 11.32
C LYS A 146 -8.29 -9.35 12.73
N ARG A 147 -9.33 -9.81 13.43
CA ARG A 147 -9.16 -10.53 14.71
C ARG A 147 -9.09 -12.03 14.42
N ALA A 148 -9.85 -12.83 15.16
CA ALA A 148 -9.96 -14.30 14.98
C ALA A 148 -10.44 -14.59 13.55
N ASN A 149 -11.74 -14.57 13.30
CA ASN A 149 -12.32 -14.92 11.98
C ASN A 149 -12.77 -13.63 11.27
N ASP A 150 -12.97 -12.53 11.99
CA ASP A 150 -13.68 -11.35 11.44
C ASP A 150 -12.78 -10.10 11.38
N TRP A 151 -13.30 -9.09 10.69
CA TRP A 151 -12.69 -7.75 10.52
C TRP A 151 -13.39 -6.75 11.43
N VAL A 152 -12.66 -5.76 11.93
CA VAL A 152 -13.14 -4.66 12.81
C VAL A 152 -12.77 -3.35 12.12
N VAL A 153 -13.64 -2.35 12.22
CA VAL A 153 -13.31 -0.97 11.82
C VAL A 153 -13.16 -0.20 13.14
N CYS A 154 -12.11 0.59 13.29
CA CYS A 154 -11.85 1.28 14.58
C CYS A 154 -11.64 2.80 14.39
N GLY A 155 -11.77 3.35 13.18
CA GLY A 155 -11.70 4.80 12.98
C GLY A 155 -11.58 5.22 11.52
N VAL A 156 -11.38 6.54 11.31
CA VAL A 156 -11.36 7.20 9.96
C VAL A 156 -10.18 8.18 9.90
N HIS A 157 -9.53 8.24 8.75
CA HIS A 157 -8.28 9.02 8.56
C HIS A 157 -8.57 10.50 8.72
N ALA A 158 -7.88 11.16 9.65
CA ALA A 158 -8.18 12.56 10.03
C ALA A 158 -7.03 13.47 9.61
N ALA A 159 -5.79 12.98 9.63
CA ALA A 159 -4.61 13.85 9.43
C ALA A 159 -3.35 13.04 9.27
N ALA A 160 -2.28 13.69 8.82
CA ALA A 160 -0.92 13.12 8.78
C ALA A 160 0.07 14.25 9.00
N THR A 161 1.23 13.95 9.58
CA THR A 161 2.29 14.96 9.79
C THR A 161 2.97 15.35 8.48
N LYS A 162 3.66 16.50 8.51
CA LYS A 162 4.43 17.02 7.35
C LYS A 162 5.38 15.94 6.83
N SER A 163 6.05 15.22 7.73
CA SER A 163 7.01 14.13 7.40
C SER A 163 6.31 12.96 6.70
N GLY A 164 5.02 12.74 7.01
CA GLY A 164 4.20 11.65 6.43
C GLY A 164 4.19 10.38 7.28
N ASN A 165 5.14 10.23 8.21
CA ASN A 165 5.38 8.95 8.94
C ASN A 165 4.28 8.68 9.98
N THR A 166 3.78 9.73 10.64
CA THR A 166 2.69 9.68 11.65
C THR A 166 1.35 10.02 10.98
N VAL A 167 0.32 9.23 11.28
CA VAL A 167 -1.09 9.47 10.87
C VAL A 167 -1.97 9.44 12.13
N VAL A 168 -3.14 10.09 12.04
CA VAL A 168 -4.14 10.10 13.14
C VAL A 168 -5.50 9.62 12.61
N CYS A 169 -5.99 8.61 13.32
CA CYS A 169 -7.29 7.94 13.17
C CYS A 169 -8.28 8.58 14.17
N ALA A 170 -9.30 9.31 13.72
CA ALA A 170 -10.35 9.84 14.61
C ALA A 170 -11.25 8.67 15.00
N VAL A 171 -11.70 8.67 16.25
CA VAL A 171 -12.35 7.49 16.89
C VAL A 171 -13.69 7.91 17.51
N GLN A 172 -14.60 6.95 17.60
CA GLN A 172 -15.95 7.09 18.17
C GLN A 172 -15.81 7.39 19.67
N PRO B 1 2.88 10.08 -13.88
CA PRO B 1 3.09 10.75 -12.58
C PRO B 1 3.43 9.89 -11.35
N THR B 2 3.82 8.61 -11.48
CA THR B 2 4.00 7.71 -10.30
C THR B 2 5.05 6.61 -10.52
N LEU B 3 5.73 6.24 -9.42
CA LEU B 3 6.58 5.01 -9.29
C LEU B 3 5.74 3.79 -9.67
N TRP B 4 4.47 3.75 -9.26
CA TRP B 4 3.64 2.53 -9.40
C TRP B 4 3.39 2.17 -10.88
N SER B 5 3.31 3.14 -11.80
CA SER B 5 3.06 2.83 -13.24
C SER B 5 4.25 2.07 -13.83
N ARG B 6 5.42 2.10 -13.19
CA ARG B 6 6.63 1.39 -13.67
C ARG B 6 6.58 -0.12 -13.33
N VAL B 7 5.75 -0.51 -12.37
CA VAL B 7 5.59 -1.93 -11.96
C VAL B 7 4.62 -2.58 -12.96
N THR B 8 5.07 -3.58 -13.72
CA THR B 8 4.33 -4.20 -14.85
C THR B 8 4.24 -5.71 -14.66
N LYS B 9 3.07 -6.30 -14.94
CA LYS B 9 2.88 -7.76 -14.90
C LYS B 9 3.77 -8.37 -15.98
N PHE B 10 4.44 -9.48 -15.69
CA PHE B 10 5.44 -10.05 -16.63
C PHE B 10 5.72 -11.52 -16.29
N GLY B 11 5.63 -12.42 -17.28
CA GLY B 11 5.80 -13.87 -17.07
C GLY B 11 4.97 -14.35 -15.89
N SER B 12 5.59 -15.09 -14.97
CA SER B 12 4.93 -15.63 -13.76
C SER B 12 5.00 -14.64 -12.59
N GLY B 13 5.47 -13.41 -12.82
CA GLY B 13 5.55 -12.36 -11.78
C GLY B 13 5.41 -10.96 -12.35
N TRP B 14 6.40 -10.10 -12.08
CA TRP B 14 6.36 -8.63 -12.28
C TRP B 14 7.73 -8.15 -12.74
N GLY B 15 7.81 -6.94 -13.32
CA GLY B 15 9.07 -6.22 -13.57
C GLY B 15 8.92 -4.72 -13.35
N PHE B 16 9.99 -3.95 -13.58
CA PHE B 16 10.06 -2.51 -13.28
C PHE B 16 10.79 -1.78 -14.41
N TRP B 17 10.18 -0.74 -14.96
CA TRP B 17 10.77 0.16 -15.99
C TRP B 17 11.67 1.20 -15.29
N VAL B 18 12.99 1.07 -15.49
CA VAL B 18 13.99 2.02 -14.92
C VAL B 18 14.05 3.28 -15.79
N SER B 19 13.89 3.09 -17.10
CA SER B 19 13.81 4.16 -18.12
C SER B 19 12.87 3.71 -19.24
N PRO B 20 12.63 4.58 -20.27
CA PRO B 20 11.93 4.18 -21.50
C PRO B 20 12.41 2.90 -22.20
N THR B 21 13.69 2.55 -22.05
CA THR B 21 14.35 1.43 -22.76
C THR B 21 14.77 0.29 -21.81
N VAL B 22 14.71 0.48 -20.48
CA VAL B 22 15.35 -0.48 -19.52
C VAL B 22 14.30 -1.06 -18.57
N PHE B 23 14.20 -2.39 -18.54
CA PHE B 23 13.25 -3.18 -17.73
C PHE B 23 14.03 -4.20 -16.92
N ILE B 24 13.75 -4.32 -15.62
CA ILE B 24 14.46 -5.28 -14.74
C ILE B 24 13.43 -6.24 -14.15
N THR B 25 13.85 -7.47 -13.85
CA THR B 25 12.92 -8.52 -13.37
C THR B 25 13.75 -9.64 -12.73
N THR B 26 13.05 -10.57 -12.11
CA THR B 26 13.65 -11.77 -11.49
C THR B 26 13.81 -12.81 -12.60
N THR B 27 14.97 -13.41 -12.73
CA THR B 27 15.27 -14.39 -13.80
C THR B 27 14.20 -15.48 -13.87
N HIS B 28 13.82 -16.10 -12.75
CA HIS B 28 12.92 -17.29 -12.71
C HIS B 28 11.50 -17.00 -13.20
N VAL B 29 11.07 -15.72 -13.34
CA VAL B 29 9.67 -15.37 -13.77
C VAL B 29 9.62 -15.21 -15.29
N ILE B 30 10.76 -15.07 -15.97
CA ILE B 30 10.82 -14.81 -17.43
C ILE B 30 10.32 -16.05 -18.16
N PRO B 31 9.43 -15.91 -19.16
CA PRO B 31 9.07 -17.03 -20.04
C PRO B 31 10.31 -17.67 -20.70
N THR B 32 10.31 -18.98 -20.83
CA THR B 32 11.41 -19.79 -21.41
C THR B 32 11.10 -20.10 -22.88
N SER B 33 9.88 -19.81 -23.34
CA SER B 33 9.47 -19.92 -24.75
CA SER B 33 9.47 -19.92 -24.75
C SER B 33 8.93 -18.57 -25.23
N ALA B 34 9.68 -17.83 -26.04
CA ALA B 34 9.22 -16.50 -26.51
C ALA B 34 9.95 -16.06 -27.77
N LYS B 35 9.26 -15.30 -28.63
CA LYS B 35 9.87 -14.63 -29.81
C LYS B 35 9.75 -13.11 -29.70
N GLU B 36 9.02 -12.56 -28.75
CA GLU B 36 9.01 -11.09 -28.57
C GLU B 36 8.61 -10.76 -27.12
N PHE B 37 9.01 -9.58 -26.63
CA PHE B 37 8.48 -9.00 -25.36
C PHE B 37 8.09 -7.54 -25.62
N PHE B 38 6.91 -7.14 -25.13
CA PHE B 38 6.33 -5.78 -25.30
C PHE B 38 6.27 -5.43 -26.79
N GLY B 39 6.03 -6.44 -27.64
CA GLY B 39 5.86 -6.29 -29.11
C GLY B 39 7.19 -6.12 -29.83
N GLU B 40 8.31 -6.16 -29.11
CA GLU B 40 9.67 -6.07 -29.72
C GLU B 40 10.22 -7.46 -29.94
N PRO B 41 10.73 -7.78 -31.15
CA PRO B 41 11.31 -9.09 -31.38
C PRO B 41 12.57 -9.23 -30.52
N LEU B 42 12.73 -10.40 -29.90
CA LEU B 42 13.87 -10.72 -29.01
C LEU B 42 15.20 -10.46 -29.73
N THR B 43 15.19 -10.62 -31.06
CA THR B 43 16.22 -10.17 -32.04
C THR B 43 16.94 -8.92 -31.53
N SER B 44 16.19 -7.89 -31.17
CA SER B 44 16.69 -6.51 -30.90
C SER B 44 16.68 -6.19 -29.40
N ILE B 45 16.58 -7.21 -28.53
CA ILE B 45 16.58 -7.02 -27.04
C ILE B 45 17.90 -7.58 -26.50
N ALA B 46 18.74 -6.69 -25.95
CA ALA B 46 19.92 -7.05 -25.14
C ALA B 46 19.47 -7.57 -23.77
N ILE B 47 19.95 -8.75 -23.36
CA ILE B 47 19.60 -9.42 -22.07
C ILE B 47 20.88 -9.60 -21.26
N HIS B 48 20.98 -8.95 -20.10
CA HIS B 48 22.08 -9.11 -19.10
C HIS B 48 21.53 -9.84 -17.87
N ARG B 49 21.94 -11.09 -17.67
CA ARG B 49 21.55 -11.92 -16.50
C ARG B 49 22.72 -11.99 -15.52
N ALA B 50 22.43 -11.95 -14.21
CA ALA B 50 23.36 -12.16 -13.09
C ALA B 50 22.60 -12.88 -11.96
N GLY B 51 22.67 -14.21 -11.95
CA GLY B 51 21.79 -15.03 -11.08
C GLY B 51 20.33 -14.66 -11.26
N GLU B 52 19.67 -14.29 -10.16
CA GLU B 52 18.21 -13.98 -10.14
C GLU B 52 17.95 -12.53 -10.55
N PHE B 53 18.94 -11.77 -10.98
CA PHE B 53 18.77 -10.41 -11.55
C PHE B 53 18.90 -10.45 -13.08
N THR B 54 17.87 -10.01 -13.81
CA THR B 54 17.90 -9.83 -15.29
C THR B 54 17.52 -8.40 -15.67
N LEU B 55 18.36 -7.75 -16.46
CA LEU B 55 18.09 -6.45 -17.13
C LEU B 55 17.91 -6.68 -18.63
N PHE B 56 16.85 -6.09 -19.18
CA PHE B 56 16.53 -5.98 -20.63
C PHE B 56 16.74 -4.54 -21.06
N ARG B 57 17.47 -4.34 -22.17
CA ARG B 57 17.64 -3.02 -22.84
CA ARG B 57 17.60 -3.01 -22.84
C ARG B 57 17.04 -3.12 -24.25
N PHE B 58 15.96 -2.38 -24.55
CA PHE B 58 15.25 -2.40 -25.86
C PHE B 58 15.94 -1.42 -26.82
N SER B 59 15.76 -1.62 -28.13
CA SER B 59 16.35 -0.75 -29.18
C SER B 59 15.46 0.47 -29.45
N LYS B 60 14.19 0.45 -29.01
CA LYS B 60 13.30 1.64 -29.10
C LYS B 60 12.64 1.92 -27.74
N LYS B 61 12.06 3.11 -27.60
CA LYS B 61 11.40 3.56 -26.34
C LYS B 61 10.06 2.85 -26.24
N ILE B 62 9.91 1.95 -25.26
CA ILE B 62 8.64 1.21 -24.98
C ILE B 62 7.80 2.13 -24.09
N ARG B 63 8.42 2.85 -23.15
CA ARG B 63 7.71 3.69 -22.16
C ARG B 63 8.28 5.10 -22.27
N PRO B 64 8.07 5.80 -23.41
CA PRO B 64 8.59 7.17 -23.60
C PRO B 64 8.03 8.17 -22.59
N ASP B 65 6.96 7.78 -21.88
CA ASP B 65 6.32 8.65 -20.87
C ASP B 65 7.18 8.74 -19.61
N LEU B 66 8.16 7.85 -19.42
CA LEU B 66 8.97 7.81 -18.17
C LEU B 66 10.29 8.59 -18.34
N THR B 67 10.78 9.21 -17.28
CA THR B 67 12.21 9.63 -17.11
C THR B 67 13.04 8.45 -16.59
N GLY B 68 14.36 8.53 -16.77
CA GLY B 68 15.30 7.50 -16.30
C GLY B 68 15.55 7.68 -14.81
N MET B 69 15.70 6.58 -14.08
CA MET B 69 15.88 6.56 -12.60
C MET B 69 17.25 5.99 -12.27
N ILE B 70 17.72 6.26 -11.06
CA ILE B 70 19.00 5.70 -10.54
C ILE B 70 18.79 4.22 -10.21
N LEU B 71 19.54 3.33 -10.85
CA LEU B 71 19.67 1.90 -10.51
C LEU B 71 21.04 1.67 -9.84
N GLU B 72 21.06 1.09 -8.64
CA GLU B 72 22.33 0.77 -7.91
C GLU B 72 22.37 -0.72 -7.58
N GLU B 73 23.58 -1.23 -7.28
CA GLU B 73 23.81 -2.66 -6.92
CA GLU B 73 23.79 -2.66 -6.91
C GLU B 73 23.53 -2.83 -5.42
N GLY B 74 22.27 -3.07 -5.05
CA GLY B 74 21.88 -3.10 -3.63
C GLY B 74 21.98 -1.74 -2.98
N CYS B 75 21.83 -1.71 -1.66
CA CYS B 75 21.87 -0.47 -0.86
C CYS B 75 22.78 -0.68 0.37
N PRO B 76 23.17 0.40 1.07
CA PRO B 76 23.94 0.25 2.30
C PRO B 76 23.14 -0.56 3.31
N GLU B 77 23.86 -1.39 4.06
CA GLU B 77 23.35 -2.23 5.18
C GLU B 77 22.56 -1.36 6.16
N GLY B 78 21.36 -1.83 6.53
CA GLY B 78 20.42 -1.13 7.41
C GLY B 78 19.55 -0.12 6.69
N THR B 79 19.64 0.04 5.37
CA THR B 79 18.71 0.94 4.65
C THR B 79 17.32 0.34 4.78
N VAL B 80 16.32 1.15 5.09
CA VAL B 80 14.89 0.71 4.99
C VAL B 80 14.40 1.03 3.58
N CYS B 81 14.18 -0.02 2.80
CA CYS B 81 13.58 0.00 1.45
C CYS B 81 12.09 -0.30 1.55
N SER B 82 11.40 -0.04 0.44
CA SER B 82 9.99 -0.40 0.19
C SER B 82 9.96 -1.40 -0.98
N VAL B 83 9.33 -2.56 -0.80
CA VAL B 83 9.04 -3.49 -1.92
C VAL B 83 7.64 -3.08 -2.44
N LEU B 84 7.59 -2.66 -3.71
CA LEU B 84 6.36 -2.15 -4.37
C LEU B 84 5.61 -3.33 -4.98
N ILE B 85 4.79 -4.00 -4.17
CA ILE B 85 4.07 -5.24 -4.59
C ILE B 85 2.78 -4.84 -5.30
N LYS B 86 2.55 -5.37 -6.50
CA LYS B 86 1.24 -5.28 -7.23
C LYS B 86 0.57 -6.66 -7.14
N ARG B 87 -0.73 -6.69 -6.84
CA ARG B 87 -1.54 -7.94 -6.77
C ARG B 87 -2.58 -7.89 -7.90
N ASP B 88 -3.05 -9.06 -8.32
CA ASP B 88 -4.03 -9.17 -9.42
C ASP B 88 -5.42 -8.67 -8.94
N SER B 89 -5.63 -8.48 -7.63
CA SER B 89 -6.85 -7.83 -7.05
C SER B 89 -6.98 -6.37 -7.48
N GLY B 90 -5.89 -5.72 -7.89
CA GLY B 90 -5.83 -4.25 -8.06
C GLY B 90 -5.17 -3.56 -6.87
N GLU B 91 -4.80 -4.34 -5.83
CA GLU B 91 -4.07 -3.83 -4.62
C GLU B 91 -2.61 -3.46 -4.93
N LEU B 92 -2.19 -2.33 -4.37
CA LEU B 92 -0.78 -1.86 -4.26
C LEU B 92 -0.33 -2.03 -2.80
N LEU B 93 0.74 -2.79 -2.52
CA LEU B 93 1.21 -3.12 -1.14
C LEU B 93 2.66 -2.72 -0.97
N PRO B 94 2.96 -1.45 -0.64
CA PRO B 94 4.32 -1.05 -0.26
C PRO B 94 4.61 -1.52 1.17
N LEU B 95 5.57 -2.43 1.31
CA LEU B 95 6.03 -2.98 2.61
C LEU B 95 7.48 -2.54 2.91
N ALA B 96 7.69 -1.99 4.10
CA ALA B 96 9.03 -1.67 4.63
C ALA B 96 9.82 -2.96 4.87
N VAL B 97 11.08 -2.91 4.48
CA VAL B 97 12.06 -4.01 4.61
C VAL B 97 13.37 -3.40 5.06
N ARG B 98 13.91 -3.86 6.19
CA ARG B 98 15.26 -3.45 6.64
C ARG B 98 16.26 -4.33 5.91
N MET B 99 17.16 -3.72 5.16
CA MET B 99 18.09 -4.48 4.29
C MET B 99 19.35 -4.82 5.10
N GLY B 100 19.96 -5.98 4.81
CA GLY B 100 21.15 -6.52 5.51
C GLY B 100 22.30 -6.82 4.56
N ALA B 101 23.05 -7.88 4.87
CA ALA B 101 24.24 -8.35 4.14
C ALA B 101 23.83 -9.02 2.83
N ILE B 102 24.71 -8.92 1.87
CA ILE B 102 24.74 -9.86 0.70
C ILE B 102 25.14 -11.22 1.26
N ALA B 103 24.41 -12.26 0.88
CA ALA B 103 24.50 -13.62 1.41
C ALA B 103 23.90 -14.62 0.44
N SER B 104 24.18 -15.90 0.64
N SER B 104 24.19 -15.90 0.64
CA SER B 104 23.43 -17.03 0.06
CA SER B 104 23.45 -17.06 0.07
C SER B 104 22.58 -17.65 1.17
C SER B 104 22.58 -17.65 1.17
N MET B 105 21.29 -17.87 0.91
CA MET B 105 20.34 -18.39 1.92
C MET B 105 19.66 -19.63 1.41
N ARG B 106 19.51 -20.61 2.31
CA ARG B 106 18.53 -21.72 2.20
C ARG B 106 17.15 -21.11 2.41
N ILE B 107 16.34 -21.08 1.37
CA ILE B 107 14.96 -20.53 1.38
C ILE B 107 14.07 -21.61 0.77
N GLN B 108 13.47 -22.47 1.62
CA GLN B 108 12.53 -23.54 1.20
C GLN B 108 13.21 -24.45 0.16
N GLY B 109 14.28 -25.15 0.56
CA GLY B 109 15.12 -25.98 -0.31
C GLY B 109 16.25 -25.16 -0.92
N ARG B 110 15.96 -24.53 -2.07
CA ARG B 110 16.91 -23.80 -2.97
C ARG B 110 17.86 -22.87 -2.20
N LEU B 111 19.05 -22.66 -2.76
CA LEU B 111 20.01 -21.59 -2.32
C LEU B 111 19.78 -20.37 -3.20
N VAL B 112 19.59 -19.19 -2.60
CA VAL B 112 19.39 -17.91 -3.35
C VAL B 112 20.42 -16.88 -2.89
N HIS B 113 21.07 -16.23 -3.85
CA HIS B 113 22.12 -15.22 -3.62
C HIS B 113 21.59 -13.82 -3.91
N GLY B 114 21.82 -12.87 -3.00
CA GLY B 114 21.42 -11.45 -3.15
C GLY B 114 21.52 -10.72 -1.84
N GLN B 115 20.86 -9.56 -1.70
CA GLN B 115 20.85 -8.80 -0.44
C GLN B 115 19.67 -9.29 0.42
N SER B 116 19.97 -9.83 1.61
CA SER B 116 18.97 -10.26 2.60
C SER B 116 18.25 -9.02 3.13
N GLY B 117 16.99 -9.19 3.52
CA GLY B 117 16.20 -8.17 4.24
C GLY B 117 15.18 -8.80 5.17
N MET B 118 14.61 -8.03 6.08
CA MET B 118 13.54 -8.53 6.96
C MET B 118 12.37 -7.54 6.89
N LEU B 119 11.16 -8.06 6.69
CA LEU B 119 9.92 -7.26 6.68
C LEU B 119 9.74 -6.64 8.06
N LEU B 120 9.22 -5.41 8.09
CA LEU B 120 9.05 -4.63 9.34
C LEU B 120 7.55 -4.52 9.64
N THR B 121 6.77 -5.48 9.15
CA THR B 121 5.29 -5.45 9.21
C THR B 121 4.79 -6.31 10.37
N GLY B 122 5.68 -7.05 11.03
CA GLY B 122 5.34 -7.75 12.28
C GLY B 122 5.22 -9.27 12.10
N ALA B 123 5.85 -10.00 13.04
CA ALA B 123 5.79 -11.47 13.29
C ALA B 123 5.21 -12.23 12.09
N ASN B 124 3.90 -12.11 11.88
CA ASN B 124 3.10 -12.81 10.82
C ASN B 124 1.97 -11.88 10.37
N ALA B 125 1.53 -12.02 9.11
CA ALA B 125 0.40 -11.28 8.50
C ALA B 125 -0.93 -11.77 9.08
N LYS B 126 -1.11 -13.10 9.20
CA LYS B 126 -2.33 -13.77 9.72
C LYS B 126 -3.54 -13.49 8.80
N GLY B 127 -3.30 -13.36 7.50
CA GLY B 127 -4.34 -13.09 6.48
C GLY B 127 -4.65 -11.61 6.34
N MET B 128 -3.72 -10.75 6.75
CA MET B 128 -3.74 -9.31 6.40
C MET B 128 -2.69 -9.06 5.30
N ASP B 129 -2.75 -7.89 4.68
CA ASP B 129 -1.87 -7.47 3.56
C ASP B 129 -0.53 -6.98 4.14
N LEU B 130 0.31 -7.90 4.62
CA LEU B 130 1.54 -7.54 5.37
C LEU B 130 2.76 -8.38 4.94
N GLY B 131 2.61 -9.30 3.99
CA GLY B 131 3.71 -10.19 3.58
C GLY B 131 3.69 -10.43 2.09
N THR B 132 4.77 -11.04 1.60
CA THR B 132 4.96 -11.37 0.16
C THR B 132 4.38 -12.74 -0.09
N ILE B 133 4.03 -13.04 -1.33
CA ILE B 133 3.57 -14.39 -1.78
C ILE B 133 4.39 -14.74 -3.02
N PRO B 134 4.45 -16.03 -3.41
CA PRO B 134 5.28 -16.46 -4.54
C PRO B 134 5.06 -15.63 -5.81
N GLY B 135 3.81 -15.24 -6.09
CA GLY B 135 3.43 -14.46 -7.28
C GLY B 135 4.00 -13.05 -7.28
N ASP B 136 4.53 -12.57 -6.15
CA ASP B 136 5.11 -11.20 -6.07
C ASP B 136 6.53 -11.13 -6.66
N CYS B 137 7.16 -12.22 -7.13
CA CYS B 137 8.59 -12.17 -7.56
C CYS B 137 8.73 -11.23 -8.76
N GLY B 138 9.76 -10.38 -8.72
CA GLY B 138 10.05 -9.33 -9.72
C GLY B 138 9.70 -7.93 -9.23
N ALA B 139 8.96 -7.80 -8.13
CA ALA B 139 8.60 -6.49 -7.53
C ALA B 139 9.87 -5.76 -7.12
N PRO B 140 9.95 -4.44 -7.36
CA PRO B 140 11.17 -3.68 -7.13
C PRO B 140 11.36 -3.28 -5.65
N TYR B 141 12.61 -3.18 -5.23
CA TYR B 141 13.07 -2.58 -3.96
C TYR B 141 13.56 -1.16 -4.24
N VAL B 142 12.97 -0.15 -3.56
CA VAL B 142 13.25 1.30 -3.77
C VAL B 142 13.36 1.98 -2.41
N TYR B 143 14.06 3.11 -2.38
CA TYR B 143 14.13 4.04 -1.22
C TYR B 143 14.40 5.45 -1.74
N LYS B 144 14.04 6.46 -0.92
CA LYS B 144 14.28 7.88 -1.21
C LYS B 144 15.61 8.30 -0.59
N ARG B 145 16.41 9.01 -1.35
CA ARG B 145 17.72 9.53 -0.93
C ARG B 145 17.86 10.92 -1.54
N ALA B 146 17.98 11.95 -0.71
CA ALA B 146 17.84 13.37 -1.12
C ALA B 146 16.45 13.51 -1.77
N ASN B 147 16.39 13.96 -3.03
CA ASN B 147 15.15 14.20 -3.80
C ASN B 147 14.91 13.02 -4.74
N ASP B 148 15.81 12.05 -4.75
CA ASP B 148 15.89 10.98 -5.79
C ASP B 148 15.32 9.67 -5.23
N TRP B 149 14.45 9.02 -6.00
CA TRP B 149 14.10 7.59 -5.85
C TRP B 149 15.27 6.73 -6.38
N VAL B 150 15.77 5.79 -5.58
CA VAL B 150 16.79 4.76 -5.96
C VAL B 150 16.08 3.39 -6.04
N VAL B 151 16.25 2.66 -7.15
CA VAL B 151 15.88 1.21 -7.22
C VAL B 151 17.17 0.41 -7.06
N CYS B 152 17.18 -0.59 -6.18
CA CYS B 152 18.43 -1.34 -5.87
C CYS B 152 18.28 -2.85 -6.07
N GLY B 153 17.11 -3.34 -6.49
CA GLY B 153 16.96 -4.69 -7.04
C GLY B 153 15.51 -5.15 -7.14
N VAL B 154 15.31 -6.47 -7.16
CA VAL B 154 13.99 -7.09 -7.45
C VAL B 154 13.78 -8.26 -6.50
N HIS B 155 12.53 -8.54 -6.15
CA HIS B 155 12.17 -9.58 -5.14
C HIS B 155 12.38 -10.98 -5.73
N ALA B 156 13.28 -11.77 -5.15
CA ALA B 156 13.75 -13.05 -5.69
C ALA B 156 13.12 -14.21 -4.90
N ALA B 157 12.84 -14.02 -3.60
CA ALA B 157 12.40 -15.14 -2.72
C ALA B 157 12.05 -14.69 -1.30
N ALA B 158 11.21 -15.47 -0.61
CA ALA B 158 10.83 -15.23 0.81
C ALA B 158 10.76 -16.57 1.54
N THR B 159 11.06 -16.57 2.84
CA THR B 159 10.97 -17.79 3.68
C THR B 159 9.50 -18.19 3.88
N LYS B 160 9.26 -19.43 4.33
CA LYS B 160 7.94 -19.93 4.80
C LYS B 160 7.28 -18.89 5.70
N SER B 161 7.99 -18.49 6.76
CA SER B 161 7.49 -17.58 7.82
C SER B 161 7.11 -16.22 7.22
N GLY B 162 7.80 -15.80 6.15
CA GLY B 162 7.59 -14.49 5.50
C GLY B 162 8.63 -13.46 5.94
N ASN B 163 9.17 -13.62 7.16
CA ASN B 163 10.20 -12.76 7.82
C ASN B 163 11.34 -12.33 6.86
N THR B 164 12.07 -13.29 6.30
CA THR B 164 13.27 -13.03 5.47
C THR B 164 12.91 -13.00 3.98
N VAL B 165 13.46 -12.01 3.28
CA VAL B 165 13.30 -11.77 1.82
C VAL B 165 14.70 -11.67 1.21
N VAL B 166 14.78 -11.96 -0.08
CA VAL B 166 16.03 -11.82 -0.85
C VAL B 166 15.74 -10.90 -2.03
N CYS B 167 16.46 -9.79 -2.04
CA CYS B 167 16.53 -8.79 -3.14
C CYS B 167 17.69 -9.18 -4.07
N ALA B 168 17.42 -9.63 -5.30
CA ALA B 168 18.50 -9.93 -6.27
C ALA B 168 19.03 -8.60 -6.81
N VAL B 169 20.35 -8.47 -6.94
CA VAL B 169 21.05 -7.21 -7.30
C VAL B 169 21.87 -7.39 -8.58
N GLN B 170 22.10 -6.27 -9.28
CA GLN B 170 22.95 -6.14 -10.49
C GLN B 170 24.39 -6.55 -10.17
N ALA B 171 25.06 -7.16 -11.14
CA ALA B 171 26.49 -7.56 -11.15
C ALA B 171 26.76 -8.54 -10.01
S DMS C . -19.84 13.32 -3.84
O DMS C . -20.66 12.49 -4.78
C1 DMS C . -20.06 14.99 -4.34
C2 DMS C . -20.77 13.44 -2.34
S DMS D . -6.51 2.71 23.26
O DMS D . -7.41 3.01 22.09
C1 DMS D . -4.86 3.11 22.73
C2 DMS D . -6.75 4.04 24.44
P PO4 E . -0.87 6.18 -6.29
O1 PO4 E . -1.52 5.24 -7.32
O2 PO4 E . -0.59 5.41 -5.00
O3 PO4 E . -1.80 7.35 -6.00
O4 PO4 E . 0.45 6.70 -6.83
N1 LVP F . 13.71 -3.80 13.87
C4 LVP F . 14.89 -1.68 13.49
C5 LVP F . 14.20 -1.22 12.36
C6 LVP F . 14.26 -4.64 12.95
C7 LVP F . 13.46 -5.68 12.54
C8 LVP F . 13.75 -6.74 11.61
N LVP F . 14.32 -2.64 14.34
C LVP F . 14.77 -0.25 11.56
O LVP F . 15.40 -4.56 12.51
C1 LVP F . 16.01 0.27 11.86
C2 LVP F . 16.70 -0.18 12.97
C3 LVP F . 16.13 -1.14 13.77
C9 LVP F . 12.50 -7.34 11.42
F LVP F . 16.80 -1.60 14.85
N2 LVP F . 11.53 -6.88 12.16
O1 LVP F . 12.19 -5.84 12.95
S DMS G . 26.22 -3.78 0.68
O DMS G . 25.36 -4.89 1.20
C1 DMS G . 27.82 -4.49 0.35
C2 DMS G . 25.73 -3.50 -1.01
#